data_8V72
#
_entry.id   8V72
#
_cell.length_a   77.876
_cell.length_b   77.876
_cell.length_c   85.037
_cell.angle_alpha   90.00
_cell.angle_beta   90.00
_cell.angle_gamma   90.00
#
_symmetry.space_group_name_H-M   'P 42 21 2'
#
loop_
_entity.id
_entity.type
_entity.pdbx_description
1 polymer 'Inositol polyphosphate multikinase'
2 non-polymer (5P)-5-(1H-tetrazol-5-yl)-3-[4-(trifluoromethoxy)phenyl]-2,1-benzoxazole
3 non-polymer 'SULFATE ION'
4 water water
#
_entity_poly.entity_id   1
_entity_poly.type   'polypeptide(L)'
_entity_poly.pdbx_seq_one_letter_code
;GSFTSHQVAGHMYGKDKVGILQHPDGTVLKQLQPPPRGPRELEFYNMVYAADCFDGVLLELRKYLPKYYGIWSPPTAPND
LYLKLEDVTHKFNKPCIMDVKIGQKSYDPFASSEKIQQQVSKYPLMEEIGFLVLGMRVYHVHSDSYETENQHYGRSLTKE
TIKDGVSRFFHNGYCLRKDAVAASIQKIEKILQWFENQKQLNFYASSLLFVYEGSSQGGSGGEVEVRMIDFAHVFPSNTI
DEGYVYGLKHLISVLRSILDN
;
_entity_poly.pdbx_strand_id   A
#
# COMPACT_ATOMS: atom_id res chain seq x y z
N ILE A 20 -12.51 -5.14 2.10
CA ILE A 20 -11.96 -5.27 3.48
C ILE A 20 -13.10 -5.16 4.49
N LEU A 21 -13.19 -6.14 5.39
CA LEU A 21 -14.10 -6.12 6.52
C LEU A 21 -13.29 -6.00 7.80
N GLN A 22 -13.53 -4.93 8.56
CA GLN A 22 -12.82 -4.71 9.81
C GLN A 22 -13.53 -5.49 10.92
N HIS A 23 -12.79 -6.39 11.56
CA HIS A 23 -13.29 -7.18 12.69
C HIS A 23 -12.85 -6.46 13.97
N PRO A 24 -13.73 -6.32 14.98
CA PRO A 24 -13.36 -5.69 16.25
C PRO A 24 -12.18 -6.29 17.02
N ASP A 25 -11.78 -7.53 16.66
CA ASP A 25 -10.66 -8.20 17.31
C ASP A 25 -9.33 -7.68 16.79
N GLY A 26 -9.37 -6.68 15.89
CA GLY A 26 -8.17 -6.03 15.39
C GLY A 26 -7.63 -6.67 14.12
N THR A 27 -8.46 -7.48 13.46
CA THR A 27 -8.09 -8.07 12.18
C THR A 27 -8.96 -7.48 11.08
N VAL A 28 -8.54 -7.73 9.83
CA VAL A 28 -9.40 -7.52 8.68
C VAL A 28 -9.58 -8.86 7.98
N LEU A 29 -10.73 -9.05 7.35
CA LEU A 29 -10.95 -10.15 6.43
C LEU A 29 -10.93 -9.59 5.02
N LYS A 30 -9.96 -10.05 4.21
CA LYS A 30 -9.95 -9.73 2.79
C LYS A 30 -10.42 -10.95 2.01
N GLN A 31 -11.55 -10.78 1.32
CA GLN A 31 -12.07 -11.81 0.43
C GLN A 31 -11.09 -11.98 -0.74
N LEU A 32 -10.73 -13.24 -1.03
CA LEU A 32 -9.89 -13.52 -2.19
C LEU A 32 -10.57 -12.95 -3.42
N GLN A 33 -9.79 -12.23 -4.24
CA GLN A 33 -10.24 -11.77 -5.54
C GLN A 33 -10.49 -12.97 -6.44
N PRO A 34 -11.22 -12.83 -7.57
CA PRO A 34 -11.41 -13.95 -8.50
C PRO A 34 -10.08 -14.48 -9.00
N PRO A 35 -10.01 -15.75 -9.45
CA PRO A 35 -8.75 -16.32 -9.93
C PRO A 35 -8.28 -15.60 -11.20
N PRO A 36 -6.96 -15.50 -11.47
CA PRO A 36 -5.93 -16.08 -10.60
C PRO A 36 -5.42 -15.20 -9.47
N ARG A 37 -6.04 -14.03 -9.26
CA ARG A 37 -5.48 -13.00 -8.41
C ARG A 37 -5.59 -13.38 -6.93
N GLY A 38 -6.80 -13.71 -6.47
CA GLY A 38 -7.00 -14.10 -5.09
C GLY A 38 -6.11 -15.28 -4.70
N PRO A 39 -6.12 -16.39 -5.45
CA PRO A 39 -5.22 -17.53 -5.21
C PRO A 39 -3.74 -17.17 -5.13
N ARG A 40 -3.29 -16.25 -5.99
CA ARG A 40 -1.90 -15.79 -5.98
C ARG A 40 -1.57 -15.06 -4.68
N GLU A 41 -2.51 -14.23 -4.19
CA GLU A 41 -2.28 -13.49 -2.95
C GLU A 41 -2.23 -14.45 -1.76
N LEU A 42 -3.10 -15.47 -1.75
CA LEU A 42 -3.03 -16.52 -0.74
C LEU A 42 -1.65 -17.17 -0.74
N GLU A 43 -1.18 -17.58 -1.93
CA GLU A 43 0.08 -18.31 -2.01
C GLU A 43 1.24 -17.40 -1.58
N PHE A 44 1.12 -16.09 -1.85
CA PHE A 44 2.14 -15.15 -1.42
C PHE A 44 2.27 -15.16 0.10
N TYR A 45 1.15 -14.97 0.80
CA TYR A 45 1.15 -14.95 2.26
C TYR A 45 1.63 -16.29 2.81
N ASN A 46 1.24 -17.40 2.14
CA ASN A 46 1.61 -18.74 2.58
C ASN A 46 3.13 -18.95 2.44
N MET A 47 3.71 -18.49 1.35
CA MET A 47 5.16 -18.61 1.14
C MET A 47 5.91 -17.78 2.19
N VAL A 48 5.47 -16.53 2.38
CA VAL A 48 6.17 -15.59 3.23
C VAL A 48 6.14 -16.08 4.69
N TYR A 49 4.95 -16.47 5.16
CA TYR A 49 4.76 -16.83 6.56
C TYR A 49 4.86 -18.34 6.75
N ALA A 50 5.48 -19.04 5.79
CA ALA A 50 5.78 -20.46 5.93
C ALA A 50 6.52 -20.70 7.24
N ALA A 51 6.06 -21.68 8.01
CA ALA A 51 6.56 -21.91 9.36
C ALA A 51 8.00 -22.40 9.34
N ASP A 52 8.37 -23.13 8.27
CA ASP A 52 9.72 -23.67 8.14
C ASP A 52 10.62 -22.74 7.33
N CYS A 53 10.12 -21.53 7.02
CA CYS A 53 10.88 -20.56 6.24
C CYS A 53 12.00 -19.96 7.09
N PHE A 54 13.24 -20.13 6.61
CA PHE A 54 14.40 -19.47 7.19
C PHE A 54 15.13 -18.67 6.12
N ASP A 55 14.38 -18.24 5.10
CA ASP A 55 14.89 -17.32 4.09
C ASP A 55 14.96 -15.91 4.70
N GLY A 56 16.19 -15.40 4.85
CA GLY A 56 16.44 -14.15 5.54
C GLY A 56 15.70 -12.97 4.91
N VAL A 57 15.56 -13.00 3.58
CA VAL A 57 14.84 -11.97 2.85
C VAL A 57 13.36 -12.01 3.26
N LEU A 58 12.77 -13.21 3.29
CA LEU A 58 11.34 -13.35 3.55
C LEU A 58 11.04 -13.10 5.03
N LEU A 59 11.96 -13.48 5.91
CA LEU A 59 11.80 -13.23 7.34
C LEU A 59 11.78 -11.72 7.61
N GLU A 60 12.66 -10.98 6.93
CA GLU A 60 12.73 -9.53 7.06
C GLU A 60 11.45 -8.89 6.53
N LEU A 61 10.89 -9.46 5.45
CA LEU A 61 9.74 -8.89 4.76
C LEU A 61 8.51 -8.87 5.67
N ARG A 62 8.39 -9.85 6.57
CA ARG A 62 7.26 -9.98 7.47
C ARG A 62 7.01 -8.69 8.26
N LYS A 63 8.09 -7.99 8.62
CA LYS A 63 8.01 -6.75 9.38
C LYS A 63 7.10 -5.73 8.70
N TYR A 64 7.10 -5.72 7.35
CA TYR A 64 6.51 -4.65 6.56
C TYR A 64 5.12 -5.03 6.06
N LEU A 65 4.71 -6.27 6.33
CA LEU A 65 3.41 -6.79 5.90
C LEU A 65 2.44 -6.74 7.08
N PRO A 66 1.12 -6.82 6.85
CA PRO A 66 0.20 -7.15 7.93
C PRO A 66 0.57 -8.53 8.45
N LYS A 67 0.49 -8.73 9.77
CA LYS A 67 0.63 -10.07 10.31
C LYS A 67 -0.44 -10.94 9.66
N TYR A 68 -0.11 -12.22 9.46
CA TYR A 68 -0.94 -13.13 8.71
C TYR A 68 -1.45 -14.24 9.63
N TYR A 69 -2.77 -14.43 9.64
CA TYR A 69 -3.41 -15.37 10.56
C TYR A 69 -3.95 -16.58 9.80
N GLY A 70 -3.72 -16.60 8.48
CA GLY A 70 -4.03 -17.78 7.67
C GLY A 70 -5.30 -17.58 6.84
N ILE A 71 -5.58 -18.59 6.01
CA ILE A 71 -6.83 -18.68 5.27
C ILE A 71 -7.97 -18.76 6.28
N TRP A 72 -9.07 -18.06 6.01
CA TRP A 72 -10.27 -18.17 6.82
C TRP A 72 -11.51 -18.26 5.93
N SER A 73 -12.46 -19.12 6.34
N SER A 73 -12.46 -19.12 6.34
CA SER A 73 -13.76 -19.21 5.69
CA SER A 73 -13.76 -19.21 5.69
C SER A 73 -14.84 -19.34 6.77
C SER A 73 -14.84 -19.34 6.77
N PRO A 74 -16.08 -18.88 6.50
CA PRO A 74 -17.17 -19.02 7.48
C PRO A 74 -17.45 -20.48 7.81
N PRO A 75 -17.77 -20.80 9.09
CA PRO A 75 -18.03 -22.18 9.51
C PRO A 75 -18.94 -22.99 8.60
N THR A 76 -19.94 -22.33 8.00
CA THR A 76 -20.96 -22.99 7.20
C THR A 76 -20.75 -22.78 5.70
N ALA A 77 -19.56 -22.28 5.30
CA ALA A 77 -19.32 -21.92 3.91
C ALA A 77 -17.85 -22.08 3.56
N PRO A 78 -17.34 -23.32 3.37
CA PRO A 78 -15.94 -23.55 3.02
C PRO A 78 -15.51 -22.97 1.67
N ASN A 79 -16.50 -22.71 0.80
CA ASN A 79 -16.28 -22.13 -0.52
C ASN A 79 -15.78 -20.69 -0.42
N ASP A 80 -16.16 -19.98 0.65
CA ASP A 80 -16.00 -18.53 0.71
C ASP A 80 -14.69 -18.18 1.39
N LEU A 81 -13.66 -17.87 0.59
CA LEU A 81 -12.29 -17.77 1.07
C LEU A 81 -11.93 -16.32 1.41
N TYR A 82 -11.30 -16.14 2.58
CA TYR A 82 -10.73 -14.86 2.98
C TYR A 82 -9.32 -15.07 3.50
N LEU A 83 -8.55 -13.97 3.49
CA LEU A 83 -7.31 -13.89 4.25
C LEU A 83 -7.64 -13.15 5.55
N LYS A 84 -7.15 -13.72 6.67
CA LYS A 84 -7.26 -13.07 7.97
C LYS A 84 -5.96 -12.31 8.22
N LEU A 85 -6.05 -10.98 8.22
CA LEU A 85 -4.88 -10.11 8.30
C LEU A 85 -5.01 -9.18 9.49
N GLU A 86 -3.86 -8.73 9.99
CA GLU A 86 -3.77 -7.65 10.95
C GLU A 86 -4.45 -6.40 10.39
N ASP A 87 -5.31 -5.77 11.20
CA ASP A 87 -5.79 -4.43 10.91
C ASP A 87 -4.74 -3.44 11.39
N VAL A 88 -4.07 -2.80 10.41
CA VAL A 88 -2.91 -1.96 10.67
C VAL A 88 -3.37 -0.63 11.29
N THR A 89 -4.68 -0.33 11.22
CA THR A 89 -5.22 0.91 11.75
C THR A 89 -5.71 0.73 13.20
N HIS A 90 -5.66 -0.49 13.72
CA HIS A 90 -6.38 -0.87 14.93
C HIS A 90 -5.90 -0.11 16.17
N LYS A 91 -4.60 0.18 16.24
CA LYS A 91 -4.02 0.79 17.44
C LYS A 91 -4.24 2.30 17.46
N PHE A 92 -4.85 2.84 16.40
CA PHE A 92 -5.10 4.28 16.32
C PHE A 92 -6.51 4.61 16.84
N ASN A 93 -6.65 5.82 17.38
CA ASN A 93 -7.92 6.32 17.88
C ASN A 93 -8.71 6.90 16.72
N LYS A 94 -8.10 7.88 16.04
CA LYS A 94 -8.67 8.50 14.85
C LYS A 94 -7.68 8.33 13.69
N PRO A 95 -7.57 7.13 13.08
CA PRO A 95 -6.59 6.89 12.03
C PRO A 95 -6.87 7.72 10.78
N CYS A 96 -5.81 8.36 10.28
CA CYS A 96 -5.78 8.91 8.94
C CYS A 96 -5.10 7.89 8.04
N ILE A 97 -5.80 7.47 6.98
CA ILE A 97 -5.39 6.32 6.19
C ILE A 97 -5.23 6.75 4.72
N MET A 98 -4.10 6.40 4.12
CA MET A 98 -3.90 6.62 2.70
C MET A 98 -3.34 5.34 2.07
N ASP A 99 -3.92 4.95 0.94
CA ASP A 99 -3.44 3.81 0.17
C ASP A 99 -2.76 4.35 -1.08
N VAL A 100 -1.51 3.92 -1.31
CA VAL A 100 -0.74 4.36 -2.46
C VAL A 100 -0.21 3.13 -3.21
N LYS A 101 -0.68 2.96 -4.45
CA LYS A 101 -0.17 1.92 -5.33
C LYS A 101 1.23 2.30 -5.79
N ILE A 102 2.18 1.36 -5.71
CA ILE A 102 3.58 1.62 -6.00
C ILE A 102 3.99 0.94 -7.30
N GLY A 103 4.79 1.63 -8.12
CA GLY A 103 5.44 1.02 -9.27
C GLY A 103 5.21 1.80 -10.55
N GLN A 104 5.97 1.44 -11.58
CA GLN A 104 5.86 2.05 -12.90
C GLN A 104 4.81 1.30 -13.74
N LYS A 105 4.61 0.01 -13.45
CA LYS A 105 3.66 -0.81 -14.16
C LYS A 105 2.66 -1.43 -13.19
N SER A 106 1.37 -1.30 -13.52
N SER A 106 1.36 -1.30 -13.51
CA SER A 106 0.30 -1.89 -12.73
CA SER A 106 0.29 -1.90 -12.73
C SER A 106 -0.15 -3.22 -13.33
C SER A 106 -0.11 -3.25 -13.31
N TYR A 107 0.43 -3.58 -14.49
CA TYR A 107 0.20 -4.85 -15.14
C TYR A 107 1.39 -5.77 -14.85
N ASP A 108 1.15 -7.08 -14.88
CA ASP A 108 2.19 -8.04 -14.50
C ASP A 108 2.82 -8.62 -15.76
N PRO A 109 3.90 -9.45 -15.62
CA PRO A 109 4.62 -9.97 -16.78
C PRO A 109 3.81 -10.89 -17.70
N PHE A 110 2.60 -11.29 -17.27
CA PHE A 110 1.79 -12.24 -18.02
C PHE A 110 0.50 -11.59 -18.52
N ALA A 111 0.47 -10.25 -18.57
CA ALA A 111 -0.68 -9.53 -19.07
C ALA A 111 -0.73 -9.62 -20.60
N SER A 112 -1.96 -9.75 -21.13
CA SER A 112 -2.20 -9.66 -22.56
C SER A 112 -2.11 -8.21 -23.01
N SER A 113 -2.12 -7.99 -24.33
CA SER A 113 -2.03 -6.65 -24.90
C SER A 113 -3.20 -5.79 -24.39
N GLU A 114 -4.38 -6.42 -24.27
CA GLU A 114 -5.58 -5.72 -23.84
C GLU A 114 -5.47 -5.35 -22.36
N LYS A 115 -5.00 -6.31 -21.55
CA LYS A 115 -4.82 -6.11 -20.12
C LYS A 115 -3.82 -4.97 -19.87
N ILE A 116 -2.70 -4.99 -20.59
CA ILE A 116 -1.70 -3.92 -20.49
C ILE A 116 -2.38 -2.59 -20.77
N GLN A 117 -3.12 -2.55 -21.88
CA GLN A 117 -3.81 -1.34 -22.32
C GLN A 117 -4.83 -0.90 -21.26
N GLN A 118 -5.56 -1.86 -20.71
CA GLN A 118 -6.54 -1.59 -19.66
C GLN A 118 -5.85 -0.92 -18.47
N GLN A 119 -4.71 -1.48 -18.05
CA GLN A 119 -4.03 -1.04 -16.83
C GLN A 119 -3.38 0.32 -17.05
N VAL A 120 -2.67 0.51 -18.16
CA VAL A 120 -2.01 1.78 -18.43
C VAL A 120 -3.07 2.86 -18.61
N SER A 121 -4.21 2.49 -19.24
CA SER A 121 -5.32 3.39 -19.46
C SER A 121 -5.87 3.91 -18.14
N LYS A 122 -5.92 3.03 -17.13
CA LYS A 122 -6.45 3.37 -15.82
C LYS A 122 -5.72 4.57 -15.25
N TYR A 123 -4.41 4.65 -15.47
CA TYR A 123 -3.63 5.81 -15.08
C TYR A 123 -2.33 5.86 -15.89
N PRO A 124 -2.28 6.63 -17.01
CA PRO A 124 -1.13 6.61 -17.91
C PRO A 124 0.12 7.34 -17.43
N LEU A 125 0.06 7.91 -16.22
CA LEU A 125 1.18 8.65 -15.65
C LEU A 125 2.01 7.74 -14.75
N MET A 126 1.69 6.44 -14.72
CA MET A 126 2.25 5.53 -13.73
C MET A 126 3.75 5.35 -13.97
N GLU A 127 4.13 5.23 -15.25
CA GLU A 127 5.53 5.07 -15.62
C GLU A 127 6.31 6.31 -15.18
N GLU A 128 5.73 7.49 -15.40
CA GLU A 128 6.39 8.76 -15.17
C GLU A 128 6.51 9.03 -13.67
N ILE A 129 5.47 8.72 -12.90
CA ILE A 129 5.39 9.10 -11.49
C ILE A 129 5.86 7.94 -10.60
N GLY A 130 5.40 6.72 -10.88
CA GLY A 130 5.83 5.54 -10.15
C GLY A 130 4.96 5.23 -8.95
N PHE A 131 3.88 6.00 -8.77
CA PHE A 131 2.91 5.69 -7.72
C PHE A 131 1.59 6.38 -8.04
N LEU A 132 0.53 5.88 -7.39
CA LEU A 132 -0.82 6.39 -7.59
C LEU A 132 -1.56 6.32 -6.25
N VAL A 133 -2.20 7.43 -5.89
CA VAL A 133 -3.01 7.47 -4.68
C VAL A 133 -4.34 6.77 -5.01
N LEU A 134 -4.60 5.65 -4.32
CA LEU A 134 -5.83 4.90 -4.52
C LEU A 134 -6.96 5.54 -3.72
N GLY A 135 -6.63 6.09 -2.55
CA GLY A 135 -7.61 6.81 -1.74
C GLY A 135 -7.01 7.29 -0.42
N MET A 136 -7.73 8.20 0.25
CA MET A 136 -7.35 8.59 1.59
C MET A 136 -8.58 8.89 2.43
N ARG A 137 -8.42 8.74 3.75
CA ARG A 137 -9.40 9.10 4.74
C ARG A 137 -8.69 9.94 5.79
N VAL A 138 -9.06 11.23 5.91
CA VAL A 138 -8.34 12.18 6.73
C VAL A 138 -9.28 12.74 7.79
N TYR A 139 -8.95 12.53 9.07
CA TYR A 139 -9.72 13.09 10.16
C TYR A 139 -9.42 14.58 10.29
N HIS A 140 -10.48 15.38 10.44
CA HIS A 140 -10.35 16.81 10.64
C HIS A 140 -10.83 17.17 12.05
N VAL A 141 -9.94 17.79 12.83
CA VAL A 141 -10.18 18.09 14.23
C VAL A 141 -11.27 19.15 14.35
N HIS A 142 -11.18 20.21 13.53
CA HIS A 142 -12.10 21.33 13.61
C HIS A 142 -13.53 20.88 13.33
N SER A 143 -13.69 19.91 12.41
CA SER A 143 -14.99 19.43 11.99
C SER A 143 -15.45 18.25 12.84
N ASP A 144 -14.49 17.54 13.46
CA ASP A 144 -14.74 16.25 14.07
C ASP A 144 -15.37 15.32 13.05
N SER A 145 -14.72 15.21 11.88
CA SER A 145 -15.26 14.46 10.77
C SER A 145 -14.16 14.04 9.81
N TYR A 146 -14.52 13.15 8.88
CA TYR A 146 -13.58 12.53 7.95
C TYR A 146 -13.77 13.08 6.55
N GLU A 147 -12.65 13.39 5.89
CA GLU A 147 -12.61 13.71 4.47
C GLU A 147 -12.10 12.51 3.71
N THR A 148 -12.88 12.01 2.75
CA THR A 148 -12.50 10.82 2.00
C THR A 148 -12.26 11.16 0.53
N GLU A 149 -11.19 10.60 -0.03
CA GLU A 149 -10.91 10.68 -1.46
C GLU A 149 -10.94 9.27 -2.05
N ASN A 150 -11.53 9.16 -3.25
CA ASN A 150 -11.67 7.87 -3.93
C ASN A 150 -10.59 7.77 -5.01
N GLN A 151 -10.71 6.74 -5.88
CA GLN A 151 -9.71 6.43 -6.89
C GLN A 151 -9.58 7.55 -7.92
N HIS A 152 -10.67 8.31 -8.15
CA HIS A 152 -10.68 9.37 -9.15
C HIS A 152 -9.80 10.53 -8.72
N TYR A 153 -9.62 10.72 -7.40
CA TYR A 153 -8.77 11.77 -6.87
C TYR A 153 -7.33 11.56 -7.33
N GLY A 154 -6.76 10.40 -6.98
CA GLY A 154 -5.38 10.10 -7.30
C GLY A 154 -5.13 10.00 -8.79
N ARG A 155 -6.12 9.48 -9.53
CA ARG A 155 -6.00 9.31 -10.97
C ARG A 155 -6.07 10.65 -11.70
N SER A 156 -6.57 11.69 -11.02
N SER A 156 -6.56 11.69 -11.02
CA SER A 156 -6.66 13.03 -11.58
CA SER A 156 -6.65 13.02 -11.60
C SER A 156 -5.35 13.79 -11.40
C SER A 156 -5.37 13.82 -11.35
N LEU A 157 -4.47 13.30 -10.50
CA LEU A 157 -3.24 14.00 -10.17
C LEU A 157 -2.25 13.91 -11.32
N THR A 158 -1.75 15.09 -11.72
CA THR A 158 -0.72 15.22 -12.73
C THR A 158 0.62 15.47 -12.04
N LYS A 159 1.67 15.67 -12.84
CA LYS A 159 2.99 15.96 -12.30
C LYS A 159 2.98 17.34 -11.63
N GLU A 160 2.11 18.24 -12.12
CA GLU A 160 1.93 19.56 -11.55
C GLU A 160 1.37 19.49 -10.13
N THR A 161 0.48 18.52 -9.89
CA THR A 161 -0.44 18.56 -8.76
C THR A 161 -0.19 17.42 -7.78
N ILE A 162 0.86 16.62 -8.00
CA ILE A 162 1.08 15.43 -7.20
C ILE A 162 1.51 15.80 -5.78
N LYS A 163 2.35 16.84 -5.64
CA LYS A 163 2.85 17.23 -4.33
C LYS A 163 1.69 17.67 -3.43
N ASP A 164 0.83 18.55 -3.94
CA ASP A 164 -0.32 19.03 -3.18
C ASP A 164 -1.36 17.92 -3.03
N GLY A 165 -1.40 17.02 -4.01
CA GLY A 165 -2.30 15.86 -3.94
C GLY A 165 -1.98 14.98 -2.74
N VAL A 166 -0.67 14.74 -2.52
CA VAL A 166 -0.21 13.94 -1.40
C VAL A 166 -0.33 14.74 -0.10
N SER A 167 0.05 16.03 -0.12
N SER A 167 0.10 16.01 -0.13
CA SER A 167 0.09 16.83 1.09
CA SER A 167 0.07 16.89 1.03
C SER A 167 -1.28 16.93 1.75
C SER A 167 -1.28 16.82 1.74
N ARG A 168 -2.37 16.78 0.96
CA ARG A 168 -3.73 16.81 1.49
C ARG A 168 -3.93 15.78 2.61
N PHE A 169 -3.27 14.63 2.49
CA PHE A 169 -3.37 13.56 3.48
C PHE A 169 -2.92 14.01 4.86
N PHE A 170 -1.99 14.99 4.89
CA PHE A 170 -1.30 15.38 6.10
C PHE A 170 -1.83 16.71 6.64
N HIS A 171 -2.99 17.17 6.15
CA HIS A 171 -3.63 18.36 6.68
C HIS A 171 -4.54 17.95 7.83
N ASN A 172 -4.02 18.09 9.06
CA ASN A 172 -4.69 17.61 10.27
C ASN A 172 -4.13 18.36 11.48
N GLY A 173 -5.01 18.66 12.44
CA GLY A 173 -4.61 19.26 13.70
C GLY A 173 -4.21 20.74 13.56
N TYR A 174 -4.95 21.46 12.70
CA TYR A 174 -4.77 22.89 12.48
C TYR A 174 -3.42 23.17 11.83
N CYS A 175 -2.88 22.21 11.08
CA CYS A 175 -1.53 22.33 10.54
C CYS A 175 -1.26 21.27 9.48
N LEU A 176 -0.09 21.39 8.85
CA LEU A 176 0.51 20.32 8.07
C LEU A 176 1.30 19.43 9.01
N ARG A 177 0.98 18.13 9.03
CA ARG A 177 1.56 17.17 9.95
C ARG A 177 2.93 16.73 9.44
N LYS A 178 3.94 17.61 9.57
CA LYS A 178 5.28 17.30 9.09
C LYS A 178 5.90 16.17 9.90
N ASP A 179 5.45 16.00 11.14
CA ASP A 179 5.87 14.86 11.96
C ASP A 179 5.50 13.54 11.27
N ALA A 180 4.28 13.46 10.74
CA ALA A 180 3.82 12.25 10.09
C ALA A 180 4.50 12.09 8.73
N VAL A 181 4.77 13.21 8.06
CA VAL A 181 5.48 13.20 6.78
C VAL A 181 6.89 12.66 7.00
N ALA A 182 7.60 13.18 8.02
CA ALA A 182 8.96 12.76 8.30
C ALA A 182 9.00 11.28 8.70
N ALA A 183 8.05 10.86 9.54
CA ALA A 183 7.99 9.49 10.00
C ALA A 183 7.74 8.54 8.82
N SER A 184 6.89 8.99 7.88
CA SER A 184 6.55 8.19 6.71
C SER A 184 7.79 7.99 5.84
N ILE A 185 8.60 9.04 5.67
CA ILE A 185 9.84 8.93 4.92
C ILE A 185 10.74 7.87 5.56
N GLN A 186 10.93 7.97 6.88
CA GLN A 186 11.83 7.08 7.60
C GLN A 186 11.37 5.62 7.48
N LYS A 187 10.05 5.38 7.53
CA LYS A 187 9.53 4.02 7.45
C LYS A 187 9.59 3.48 6.02
N ILE A 188 9.31 4.33 5.03
CA ILE A 188 9.42 3.95 3.62
C ILE A 188 10.88 3.58 3.32
N GLU A 189 11.82 4.31 3.93
CA GLU A 189 13.23 4.09 3.68
C GLU A 189 13.63 2.67 4.07
N LYS A 190 13.02 2.15 5.15
CA LYS A 190 13.30 0.79 5.60
C LYS A 190 12.78 -0.23 4.59
N ILE A 191 11.62 0.07 3.99
CA ILE A 191 11.03 -0.79 2.98
C ILE A 191 11.90 -0.74 1.72
N LEU A 192 12.38 0.46 1.38
CA LEU A 192 13.28 0.64 0.24
C LEU A 192 14.56 -0.18 0.45
N GLN A 193 15.10 -0.15 1.66
CA GLN A 193 16.31 -0.88 2.00
C GLN A 193 16.08 -2.39 1.79
N TRP A 194 14.89 -2.87 2.17
CA TRP A 194 14.55 -4.27 1.94
C TRP A 194 14.62 -4.57 0.44
N PHE A 195 13.98 -3.72 -0.38
CA PHE A 195 13.93 -3.92 -1.83
C PHE A 195 15.32 -3.82 -2.44
N GLU A 196 16.21 -3.03 -1.82
CA GLU A 196 17.57 -2.87 -2.32
C GLU A 196 18.42 -4.13 -2.08
N ASN A 197 17.94 -5.03 -1.22
CA ASN A 197 18.71 -6.21 -0.85
C ASN A 197 17.89 -7.48 -1.07
N GLN A 198 17.03 -7.46 -2.10
CA GLN A 198 16.35 -8.66 -2.55
C GLN A 198 16.21 -8.62 -4.07
N LYS A 199 16.38 -9.79 -4.71
CA LYS A 199 16.33 -9.93 -6.15
C LYS A 199 15.50 -11.16 -6.51
N GLN A 200 14.42 -11.39 -5.75
CA GLN A 200 13.70 -12.65 -5.84
C GLN A 200 12.19 -12.44 -5.97
N LEU A 201 11.69 -11.23 -5.72
CA LEU A 201 10.27 -10.94 -5.87
C LEU A 201 10.10 -9.58 -6.57
N ASN A 202 9.16 -9.53 -7.52
CA ASN A 202 8.74 -8.29 -8.14
C ASN A 202 7.26 -8.08 -7.86
N PHE A 203 6.88 -6.83 -7.56
CA PHE A 203 5.57 -6.52 -7.03
C PHE A 203 4.84 -5.56 -7.97
N TYR A 204 3.73 -6.03 -8.55
CA TYR A 204 2.93 -5.20 -9.45
C TYR A 204 1.57 -4.96 -8.82
N ALA A 205 1.09 -3.72 -8.97
CA ALA A 205 -0.21 -3.30 -8.47
C ALA A 205 -0.36 -3.50 -6.96
N SER A 206 0.75 -3.48 -6.22
N SER A 206 0.77 -3.42 -6.24
CA SER A 206 0.70 -3.55 -4.77
CA SER A 206 0.80 -3.53 -4.80
C SER A 206 0.81 -2.13 -4.20
C SER A 206 0.85 -2.12 -4.20
N SER A 207 0.46 -1.99 -2.92
CA SER A 207 0.27 -0.69 -2.29
C SER A 207 1.09 -0.55 -1.02
N LEU A 208 1.26 0.70 -0.61
CA LEU A 208 1.63 1.02 0.76
C LEU A 208 0.40 1.61 1.45
N LEU A 209 0.13 1.12 2.66
CA LEU A 209 -0.90 1.67 3.51
C LEU A 209 -0.23 2.57 4.54
N PHE A 210 -0.51 3.87 4.47
CA PHE A 210 -0.06 4.85 5.43
C PHE A 210 -1.14 5.10 6.46
N VAL A 211 -0.76 5.09 7.74
CA VAL A 211 -1.66 5.43 8.82
C VAL A 211 -0.92 6.37 9.78
N TYR A 212 -1.60 7.43 10.23
CA TYR A 212 -1.12 8.24 11.32
C TYR A 212 -2.29 8.65 12.21
N GLU A 213 -1.97 9.17 13.41
CA GLU A 213 -2.97 9.48 14.41
C GLU A 213 -3.53 10.88 14.17
N GLY A 214 -4.84 10.97 13.94
CA GLY A 214 -5.51 12.23 13.65
C GLY A 214 -6.12 12.92 14.88
N SER A 215 -6.24 12.19 16.00
CA SER A 215 -6.94 12.72 17.17
C SER A 215 -6.16 13.87 17.80
N SER A 216 -6.87 14.69 18.58
CA SER A 216 -6.28 15.82 19.27
C SER A 216 -5.45 15.40 20.48
N GLN A 217 -5.90 14.35 21.18
CA GLN A 217 -5.23 13.86 22.36
C GLN A 217 -3.90 13.17 22.03
N VAL A 224 2.99 6.34 13.56
CA VAL A 224 2.75 6.18 12.09
C VAL A 224 2.94 4.72 11.70
N GLU A 225 2.12 4.25 10.76
CA GLU A 225 2.31 2.94 10.15
C GLU A 225 2.49 3.11 8.64
N VAL A 226 3.47 2.41 8.09
CA VAL A 226 3.56 2.20 6.65
C VAL A 226 3.74 0.71 6.41
N ARG A 227 2.75 0.08 5.77
CA ARG A 227 2.78 -1.35 5.53
C ARG A 227 2.50 -1.63 4.06
N MET A 228 3.19 -2.67 3.55
CA MET A 228 2.95 -3.20 2.22
C MET A 228 1.69 -4.07 2.25
N ILE A 229 0.76 -3.84 1.30
CA ILE A 229 -0.45 -4.64 1.16
C ILE A 229 -0.72 -4.95 -0.31
N ASP A 230 -1.60 -5.94 -0.54
CA ASP A 230 -2.25 -6.22 -1.81
C ASP A 230 -1.28 -6.92 -2.77
N PHE A 231 -1.28 -8.26 -2.72
CA PHE A 231 -0.23 -9.08 -3.31
C PHE A 231 -0.80 -10.07 -4.33
N ALA A 232 -1.76 -9.63 -5.13
CA ALA A 232 -2.36 -10.48 -6.15
C ALA A 232 -1.47 -10.54 -7.39
N HIS A 233 -0.46 -9.65 -7.50
CA HIS A 233 0.43 -9.65 -8.64
C HIS A 233 1.90 -9.59 -8.22
N VAL A 234 2.30 -10.47 -7.30
CA VAL A 234 3.69 -10.60 -6.91
C VAL A 234 4.25 -11.85 -7.59
N PHE A 235 5.42 -11.70 -8.22
CA PHE A 235 5.98 -12.75 -9.04
C PHE A 235 7.44 -13.03 -8.67
N PRO A 236 7.91 -14.29 -8.83
CA PRO A 236 9.33 -14.60 -8.65
C PRO A 236 10.16 -13.84 -9.69
N SER A 237 11.40 -13.49 -9.30
CA SER A 237 12.27 -12.69 -10.13
C SER A 237 13.72 -13.10 -9.90
N ASN A 238 14.63 -12.60 -10.73
CA ASN A 238 16.05 -12.73 -10.48
C ASN A 238 16.72 -11.37 -10.67
N THR A 239 15.94 -10.29 -10.60
CA THR A 239 16.47 -8.93 -10.69
C THR A 239 15.86 -8.06 -9.61
N ILE A 240 16.44 -6.85 -9.48
CA ILE A 240 15.90 -5.81 -8.63
C ILE A 240 14.52 -5.41 -9.17
N ASP A 241 13.57 -5.14 -8.26
CA ASP A 241 12.28 -4.61 -8.65
C ASP A 241 12.44 -3.10 -8.87
N GLU A 242 12.87 -2.72 -10.08
CA GLU A 242 13.35 -1.37 -10.34
C GLU A 242 12.19 -0.39 -10.37
N GLY A 243 11.01 -0.84 -10.83
CA GLY A 243 9.82 -0.01 -10.90
C GLY A 243 9.30 0.35 -9.51
N TYR A 244 9.36 -0.61 -8.58
CA TYR A 244 8.92 -0.39 -7.22
C TYR A 244 9.90 0.57 -6.53
N VAL A 245 11.20 0.34 -6.75
CA VAL A 245 12.25 1.18 -6.18
C VAL A 245 12.07 2.62 -6.67
N TYR A 246 11.83 2.78 -7.98
CA TYR A 246 11.60 4.10 -8.57
C TYR A 246 10.43 4.80 -7.88
N GLY A 247 9.34 4.05 -7.67
CA GLY A 247 8.16 4.58 -7.00
C GLY A 247 8.44 5.07 -5.58
N LEU A 248 9.11 4.23 -4.79
CA LEU A 248 9.46 4.55 -3.42
C LEU A 248 10.30 5.82 -3.38
N LYS A 249 11.32 5.88 -4.26
CA LYS A 249 12.25 6.99 -4.28
C LYS A 249 11.55 8.29 -4.68
N HIS A 250 10.61 8.21 -5.63
CA HIS A 250 9.88 9.39 -6.04
C HIS A 250 8.93 9.82 -4.92
N LEU A 251 8.26 8.85 -4.28
CA LEU A 251 7.37 9.14 -3.18
C LEU A 251 8.13 9.83 -2.04
N ILE A 252 9.31 9.29 -1.71
CA ILE A 252 10.17 9.87 -0.68
C ILE A 252 10.54 11.31 -1.05
N SER A 253 10.80 11.55 -2.33
N SER A 253 10.79 11.55 -2.34
CA SER A 253 11.20 12.87 -2.81
CA SER A 253 11.20 12.87 -2.81
C SER A 253 10.05 13.87 -2.65
C SER A 253 10.05 13.87 -2.66
N VAL A 254 8.82 13.43 -2.96
CA VAL A 254 7.65 14.27 -2.83
C VAL A 254 7.44 14.60 -1.35
N LEU A 255 7.50 13.58 -0.49
CA LEU A 255 7.35 13.77 0.94
C LEU A 255 8.41 14.70 1.48
N ARG A 256 9.66 14.54 1.02
CA ARG A 256 10.76 15.40 1.42
C ARG A 256 10.44 16.86 1.08
N SER A 257 9.88 17.08 -0.12
N SER A 257 9.89 17.07 -0.13
CA SER A 257 9.58 18.43 -0.57
CA SER A 257 9.56 18.41 -0.60
C SER A 257 8.47 19.06 0.28
C SER A 257 8.49 19.05 0.28
N ILE A 258 7.54 18.24 0.76
CA ILE A 258 6.44 18.72 1.60
C ILE A 258 6.95 19.23 2.94
N LEU A 259 8.08 18.69 3.43
CA LEU A 259 8.69 19.16 4.67
C LEU A 259 9.15 20.62 4.55
N ASP A 260 9.26 21.15 3.32
CA ASP A 260 9.71 22.52 3.11
C ASP A 260 8.54 23.49 2.98
N ASN A 261 7.30 23.00 3.08
CA ASN A 261 6.11 23.84 2.95
C ASN A 261 6.11 24.92 4.04
#